data_4S2W
#
_entry.id   4S2W
#
_cell.length_a   78.391
_cell.length_b   38.851
_cell.length_c   56.806
_cell.angle_alpha   90.00
_cell.angle_beta   98.95
_cell.angle_gamma   90.00
#
_symmetry.space_group_name_H-M   'C 1 2 1'
#
loop_
_entity.id
_entity.type
_entity.pdbx_description
1 polymer 'RNA pyrophosphohydrolase'
2 non-polymer 'SULFATE ION'
3 water water
#
_entity_poly.entity_id   1
_entity_poly.type   'polypeptide(L)'
_entity_poly.pdbx_seq_one_letter_code
;SMIDDDGYRPNVGIVICNRQGQVMWARRFGQHSWQFPQGGINPGESAEQAMYRELFEEVGLSRKDVRILASTRNWLRYKL
PKRLVRWDTKPVCIGQKQKWFLLQLVSGDAEINMQTSSTPEFDGWRWVSYWYPVRQVVSFKRDVYRRVMKEFASVVMSLA
A
;
_entity_poly.pdbx_strand_id   A
#
loop_
_chem_comp.id
_chem_comp.type
_chem_comp.name
_chem_comp.formula
SO4 non-polymer 'SULFATE ION' 'O4 S -2'
#
# COMPACT_ATOMS: atom_id res chain seq x y z
N SER A 1 -0.07 -1.21 -14.90
CA SER A 1 0.80 -0.14 -15.33
C SER A 1 1.85 -0.67 -16.30
N MET A 2 2.57 0.22 -16.95
CA MET A 2 3.56 -0.20 -17.94
C MET A 2 4.97 -0.25 -17.35
N ILE A 3 5.67 -1.33 -17.69
CA ILE A 3 7.03 -1.58 -17.24
C ILE A 3 7.99 -0.57 -17.87
N ASP A 4 8.77 0.13 -17.06
CA ASP A 4 9.75 1.08 -17.60
C ASP A 4 10.90 0.30 -18.25
N ASP A 5 11.89 0.99 -18.83
CA ASP A 5 12.93 0.29 -19.59
C ASP A 5 13.97 -0.42 -18.71
N ASP A 6 13.86 -0.23 -17.39
CA ASP A 6 14.75 -0.92 -16.45
C ASP A 6 14.08 -2.19 -15.94
N GLY A 7 12.80 -2.35 -16.26
CA GLY A 7 12.07 -3.53 -15.87
C GLY A 7 11.22 -3.35 -14.63
N TYR A 8 11.04 -2.10 -14.21
CA TYR A 8 10.23 -1.82 -13.03
C TYR A 8 8.87 -1.20 -13.37
N ARG A 9 7.82 -1.69 -12.70
CA ARG A 9 6.51 -1.08 -12.73
C ARG A 9 6.39 0.01 -11.69
N PRO A 10 5.98 1.22 -12.09
CA PRO A 10 5.59 2.28 -11.15
C PRO A 10 4.34 1.90 -10.44
N ASN A 11 4.16 2.36 -9.22
CA ASN A 11 3.29 1.79 -8.23
C ASN A 11 3.27 2.65 -6.96
N VAL A 12 2.11 2.65 -6.34
CA VAL A 12 1.85 3.37 -5.13
C VAL A 12 1.47 2.39 -4.03
N GLY A 13 1.99 2.62 -2.82
CA GLY A 13 1.64 1.83 -1.65
C GLY A 13 0.87 2.71 -0.67
N ILE A 14 -0.02 2.10 0.12
CA ILE A 14 -0.84 2.89 1.03
C ILE A 14 -0.79 2.35 2.46
N VAL A 15 -0.29 3.17 3.38
CA VAL A 15 -0.36 2.88 4.81
C VAL A 15 -1.52 3.65 5.45
N ILE A 16 -2.54 2.92 5.88
CA ILE A 16 -3.72 3.57 6.47
C ILE A 16 -3.68 3.38 7.98
N CYS A 17 -3.65 4.48 8.73
CA CYS A 17 -3.60 4.40 10.19
C CYS A 17 -4.90 4.87 10.87
N ASN A 18 -5.06 4.52 12.14
CA ASN A 18 -6.11 5.12 12.96
C ASN A 18 -5.50 6.03 14.03
N ARG A 19 -6.31 6.47 14.99
CA ARG A 19 -5.85 7.45 15.97
C ARG A 19 -5.02 6.88 17.10
N GLN A 20 -5.06 5.56 17.28
CA GLN A 20 -4.19 4.94 18.26
C GLN A 20 -2.98 4.30 17.59
N GLY A 21 -2.65 4.80 16.41
CA GLY A 21 -1.43 4.40 15.72
C GLY A 21 -1.39 2.98 15.17
N GLN A 22 -2.54 2.35 15.02
CA GLN A 22 -2.58 1.04 14.37
C GLN A 22 -2.60 1.25 12.86
N VAL A 23 -2.21 0.25 12.10
CA VAL A 23 -2.32 0.36 10.65
C VAL A 23 -3.13 -0.79 10.04
N MET A 24 -3.75 -0.50 8.90
CA MET A 24 -4.60 -1.45 8.20
C MET A 24 -3.75 -2.48 7.45
N TRP A 25 -3.97 -3.75 7.76
CA TRP A 25 -3.15 -4.86 7.29
C TRP A 25 -4.07 -5.83 6.55
N ALA A 26 -3.78 -6.13 5.30
CA ALA A 26 -4.74 -6.87 4.47
C ALA A 26 -4.19 -8.17 3.92
N ARG A 27 -5.05 -9.19 3.86
CA ARG A 27 -4.60 -10.51 3.43
C ARG A 27 -4.74 -10.67 1.93
N ARG A 28 -3.62 -10.92 1.25
CA ARG A 28 -3.63 -11.12 -0.20
C ARG A 28 -4.64 -12.19 -0.55
N PHE A 29 -5.47 -11.87 -1.54
CA PHE A 29 -6.55 -12.71 -2.03
C PHE A 29 -6.12 -14.17 -2.22
N GLY A 30 -6.75 -15.07 -1.47
CA GLY A 30 -6.47 -16.50 -1.60
C GLY A 30 -5.08 -16.94 -1.13
N GLN A 31 -4.44 -16.11 -0.30
CA GLN A 31 -3.15 -16.49 0.28
C GLN A 31 -3.17 -16.36 1.80
N HIS A 32 -2.03 -16.63 2.42
CA HIS A 32 -1.85 -16.45 3.85
C HIS A 32 -0.74 -15.42 4.08
N SER A 33 -0.45 -14.69 3.02
CA SER A 33 0.50 -13.59 3.01
C SER A 33 -0.24 -12.24 3.05
N TRP A 34 0.27 -11.30 3.83
CA TRP A 34 -0.40 -10.02 4.06
C TRP A 34 0.48 -8.87 3.62
N GLN A 35 -0.14 -7.73 3.30
CA GLN A 35 0.59 -6.54 2.85
C GLN A 35 -0.28 -5.29 2.92
N PHE A 36 0.32 -4.14 2.65
CA PHE A 36 -0.46 -2.93 2.43
C PHE A 36 -1.00 -2.89 1.03
N PRO A 37 -2.10 -2.15 0.81
CA PRO A 37 -2.56 -1.91 -0.56
C PRO A 37 -1.46 -1.32 -1.44
N GLN A 38 -1.28 -1.88 -2.62
CA GLN A 38 -0.42 -1.25 -3.60
C GLN A 38 -1.01 -1.37 -5.00
N GLY A 39 -0.95 -0.28 -5.74
CA GLY A 39 -1.50 -0.25 -7.07
C GLY A 39 -0.61 0.36 -8.13
N GLY A 40 -0.92 0.04 -9.39
CA GLY A 40 -0.19 0.54 -10.52
C GLY A 40 -0.50 1.99 -10.81
N ILE A 41 0.41 2.64 -11.51
CA ILE A 41 0.21 4.00 -11.98
C ILE A 41 -0.02 3.98 -13.47
N ASN A 42 -1.24 4.30 -13.91
CA ASN A 42 -1.53 4.38 -15.34
C ASN A 42 -0.82 5.57 -15.98
N PRO A 43 -0.52 5.48 -17.29
CA PRO A 43 0.07 6.64 -17.97
C PRO A 43 -0.79 7.89 -17.81
N GLY A 44 -0.16 9.03 -17.55
CA GLY A 44 -0.92 10.26 -17.34
C GLY A 44 -1.43 10.42 -15.93
N GLU A 45 -1.53 9.32 -15.18
CA GLU A 45 -1.92 9.37 -13.79
C GLU A 45 -0.79 9.91 -12.92
N SER A 46 -1.08 10.90 -12.08
CA SER A 46 -0.16 11.27 -11.01
C SER A 46 -0.15 10.20 -9.93
N ALA A 47 0.91 10.16 -9.11
CA ALA A 47 0.97 9.21 -8.00
C ALA A 47 -0.21 9.35 -7.05
N GLU A 48 -0.63 10.58 -6.79
CA GLU A 48 -1.75 10.78 -5.87
C GLU A 48 -3.07 10.26 -6.48
N GLN A 49 -3.25 10.46 -7.77
CA GLN A 49 -4.47 9.98 -8.44
C GLN A 49 -4.53 8.44 -8.41
N ALA A 50 -3.39 7.82 -8.68
CA ALA A 50 -3.25 6.36 -8.68
C ALA A 50 -3.52 5.81 -7.28
N MET A 51 -3.09 6.54 -6.28
CA MET A 51 -3.34 6.15 -4.90
C MET A 51 -4.86 6.16 -4.61
N TYR A 52 -5.54 7.22 -5.03
CA TYR A 52 -6.98 7.31 -4.79
C TYR A 52 -7.77 6.29 -5.59
N ARG A 53 -7.29 5.96 -6.79
CA ARG A 53 -7.93 4.93 -7.56
C ARG A 53 -7.78 3.58 -6.88
N GLU A 54 -6.56 3.28 -6.40
CA GLU A 54 -6.32 2.05 -5.66
C GLU A 54 -7.17 2.00 -4.38
N LEU A 55 -7.28 3.13 -3.70
CA LEU A 55 -8.13 3.28 -2.51
C LEU A 55 -9.60 2.93 -2.79
N PHE A 56 -10.14 3.44 -3.90
CA PHE A 56 -11.51 3.12 -4.29
C PHE A 56 -11.63 1.64 -4.69
N GLU A 57 -10.79 1.19 -5.59
CA GLU A 57 -10.89 -0.13 -6.17
C GLU A 57 -10.74 -1.31 -5.23
N GLU A 58 -9.80 -1.23 -4.30
CA GLU A 58 -9.50 -2.36 -3.43
C GLU A 58 -9.78 -2.10 -1.96
N VAL A 59 -9.99 -0.85 -1.56
CA VAL A 59 -10.33 -0.57 -0.17
C VAL A 59 -11.78 -0.02 -0.10
N GLY A 60 -12.33 0.35 -1.26
CA GLY A 60 -13.71 0.85 -1.34
C GLY A 60 -13.96 2.24 -0.78
N LEU A 61 -12.89 2.99 -0.55
CA LEU A 61 -12.97 4.29 0.11
C LEU A 61 -12.87 5.46 -0.87
N SER A 62 -13.43 6.59 -0.44
CA SER A 62 -13.35 7.90 -1.09
C SER A 62 -12.26 8.79 -0.50
N ARG A 63 -11.85 9.83 -1.22
CA ARG A 63 -11.06 10.91 -0.61
C ARG A 63 -11.67 11.39 0.72
N LYS A 64 -12.99 11.48 0.75
CA LYS A 64 -13.68 12.00 1.93
C LYS A 64 -13.48 11.15 3.18
N ASP A 65 -13.17 9.86 2.99
CA ASP A 65 -13.03 8.95 4.12
C ASP A 65 -11.67 9.04 4.81
N VAL A 66 -10.73 9.76 4.19
CA VAL A 66 -9.37 9.77 4.67
C VAL A 66 -8.76 11.16 4.62
N ARG A 67 -7.59 11.31 5.21
CA ARG A 67 -6.75 12.47 4.96
C ARG A 67 -5.30 12.06 4.82
N ILE A 68 -4.62 12.68 3.87
CA ILE A 68 -3.22 12.34 3.60
C ILE A 68 -2.31 13.00 4.61
N LEU A 69 -1.58 12.20 5.38
CA LEU A 69 -0.72 12.75 6.43
C LEU A 69 0.73 12.93 5.99
N ALA A 70 1.14 12.16 5.00
CA ALA A 70 2.52 12.21 4.52
C ALA A 70 2.64 11.40 3.26
N SER A 71 3.77 11.54 2.60
CA SER A 71 4.09 10.70 1.45
C SER A 71 5.61 10.68 1.26
N THR A 72 6.13 9.62 0.65
CA THR A 72 7.56 9.51 0.42
C THR A 72 8.00 10.39 -0.74
N ARG A 73 9.25 10.82 -0.69
CA ARG A 73 9.79 11.73 -1.69
C ARG A 73 9.99 11.04 -3.04
N ASN A 74 10.89 10.07 -3.07
CA ASN A 74 11.28 9.44 -4.33
C ASN A 74 10.89 7.97 -4.39
N TRP A 75 11.29 7.32 -5.49
CA TRP A 75 11.00 5.90 -5.69
C TRP A 75 11.70 5.04 -4.65
N LEU A 76 10.96 4.12 -4.05
CA LEU A 76 11.55 3.01 -3.32
C LEU A 76 11.42 1.77 -4.21
N ARG A 77 12.48 0.99 -4.32
CA ARG A 77 12.52 -0.13 -5.26
C ARG A 77 12.75 -1.46 -4.56
N TYR A 78 12.04 -2.48 -5.03
CA TYR A 78 12.39 -3.84 -4.65
C TYR A 78 12.39 -4.68 -5.91
N LYS A 79 13.23 -5.70 -5.93
CA LYS A 79 13.26 -6.65 -7.03
C LYS A 79 12.49 -7.92 -6.66
N LEU A 80 11.85 -8.51 -7.65
CA LEU A 80 11.13 -9.76 -7.43
C LEU A 80 12.09 -10.91 -7.33
N PRO A 81 11.75 -11.92 -6.52
CA PRO A 81 12.46 -13.19 -6.52
C PRO A 81 12.49 -13.72 -7.95
N LYS A 82 13.65 -14.18 -8.41
CA LYS A 82 13.80 -14.64 -9.78
C LYS A 82 12.73 -15.66 -10.13
N ARG A 83 12.40 -16.52 -9.16
CA ARG A 83 11.40 -17.57 -9.38
C ARG A 83 10.04 -16.98 -9.74
N LEU A 84 9.58 -16.00 -8.98
CA LEU A 84 8.25 -15.45 -9.16
C LEU A 84 8.19 -14.35 -10.23
N VAL A 85 9.00 -14.48 -11.27
CA VAL A 85 9.05 -13.47 -12.32
C VAL A 85 8.22 -13.87 -13.54
N LYS A 90 6.70 -9.89 -24.03
CA LYS A 90 6.56 -8.59 -23.40
C LYS A 90 7.86 -8.23 -22.68
N PRO A 91 8.06 -6.93 -22.39
CA PRO A 91 9.18 -6.57 -21.52
C PRO A 91 9.01 -7.29 -20.20
N VAL A 92 10.07 -7.87 -19.65
CA VAL A 92 9.93 -8.62 -18.42
C VAL A 92 9.98 -7.70 -17.22
N CYS A 93 9.04 -7.88 -16.30
CA CYS A 93 9.04 -7.11 -15.08
C CYS A 93 9.91 -7.78 -14.03
N ILE A 94 10.89 -7.05 -13.50
CA ILE A 94 11.78 -7.60 -12.49
C ILE A 94 11.51 -7.04 -11.09
N GLY A 95 10.57 -6.11 -10.98
CA GLY A 95 10.25 -5.51 -9.69
C GLY A 95 9.42 -4.24 -9.82
N GLN A 96 9.30 -3.51 -8.70
CA GLN A 96 8.45 -2.34 -8.63
C GLN A 96 9.22 -1.14 -8.10
N LYS A 97 8.93 0.05 -8.63
CA LYS A 97 9.35 1.30 -7.98
C LYS A 97 8.09 1.93 -7.37
N GLN A 98 8.16 2.27 -6.10
CA GLN A 98 6.96 2.66 -5.37
C GLN A 98 7.02 4.03 -4.73
N LYS A 99 5.89 4.73 -4.76
CA LYS A 99 5.70 5.93 -3.95
C LYS A 99 4.67 5.61 -2.87
N TRP A 100 4.98 5.95 -1.63
CA TRP A 100 4.10 5.57 -0.54
C TRP A 100 3.34 6.74 0.08
N PHE A 101 2.13 6.47 0.55
CA PHE A 101 1.25 7.48 1.13
C PHE A 101 0.78 7.05 2.51
N LEU A 102 0.83 7.99 3.45
CA LEU A 102 0.26 7.76 4.77
C LEU A 102 -1.10 8.43 4.87
N LEU A 103 -2.16 7.63 5.06
CA LEU A 103 -3.52 8.16 5.22
C LEU A 103 -4.05 7.88 6.63
N GLN A 104 -4.85 8.81 7.15
CA GLN A 104 -5.63 8.51 8.34
C GLN A 104 -7.05 8.18 7.92
N LEU A 105 -7.57 7.06 8.39
CA LEU A 105 -8.97 6.75 8.19
C LEU A 105 -9.83 7.61 9.13
N VAL A 106 -10.76 8.39 8.58
CA VAL A 106 -11.59 9.22 9.44
C VAL A 106 -13.07 8.85 9.35
N SER A 107 -13.41 7.94 8.44
CA SER A 107 -14.77 7.39 8.39
C SER A 107 -14.79 6.11 9.20
N GLY A 108 -15.97 5.59 9.49
CA GLY A 108 -16.06 4.35 10.24
C GLY A 108 -15.39 3.18 9.52
N ASP A 109 -14.94 2.19 10.29
CA ASP A 109 -14.35 0.98 9.72
C ASP A 109 -15.27 0.35 8.67
N ALA A 110 -16.58 0.47 8.85
CA ALA A 110 -17.54 -0.19 7.97
C ALA A 110 -17.55 0.37 6.54
N GLU A 111 -16.95 1.54 6.34
CA GLU A 111 -16.83 2.08 4.99
C GLU A 111 -15.86 1.27 4.12
N ILE A 112 -14.94 0.55 4.75
CA ILE A 112 -13.96 -0.24 4.00
C ILE A 112 -14.67 -1.42 3.35
N ASN A 113 -14.48 -1.54 2.04
CA ASN A 113 -15.03 -2.65 1.27
C ASN A 113 -13.93 -3.21 0.37
N MET A 114 -13.45 -4.41 0.68
CA MET A 114 -12.37 -4.98 -0.12
C MET A 114 -12.86 -5.96 -1.18
N GLN A 115 -14.18 -6.04 -1.37
CA GLN A 115 -14.75 -7.10 -2.20
C GLN A 115 -15.46 -6.62 -3.47
N THR A 116 -15.14 -5.42 -3.94
CA THR A 116 -15.90 -4.88 -5.06
C THR A 116 -15.35 -5.27 -6.43
N SER A 117 -14.09 -5.73 -6.48
N SER A 117 -14.09 -5.73 -6.48
CA SER A 117 -13.50 -6.14 -7.74
CA SER A 117 -13.48 -6.15 -7.74
C SER A 117 -13.92 -7.57 -8.09
C SER A 117 -13.88 -7.58 -8.08
N SER A 118 -13.89 -7.90 -9.37
CA SER A 118 -14.16 -9.27 -9.81
C SER A 118 -12.96 -10.14 -9.47
N THR A 119 -11.80 -9.52 -9.33
CA THR A 119 -10.64 -10.19 -8.74
C THR A 119 -10.00 -9.32 -7.67
N PRO A 120 -10.46 -9.48 -6.42
CA PRO A 120 -9.94 -8.63 -5.33
C PRO A 120 -8.43 -8.76 -5.13
N GLU A 121 -7.79 -7.66 -4.79
CA GLU A 121 -6.41 -7.72 -4.30
C GLU A 121 -6.37 -8.45 -2.97
N PHE A 122 -7.42 -8.30 -2.17
CA PHE A 122 -7.43 -8.81 -0.81
C PHE A 122 -8.69 -9.60 -0.46
N ASP A 123 -8.58 -10.51 0.50
CA ASP A 123 -9.76 -11.15 1.08
C ASP A 123 -10.40 -10.24 2.12
N GLY A 124 -9.55 -9.52 2.86
CA GLY A 124 -10.01 -8.64 3.93
C GLY A 124 -8.84 -8.10 4.72
N TRP A 125 -9.15 -7.45 5.84
CA TRP A 125 -8.16 -6.66 6.55
C TRP A 125 -8.38 -6.76 8.06
N ARG A 126 -7.38 -6.36 8.83
CA ARG A 126 -7.53 -6.10 10.27
C ARG A 126 -6.57 -5.00 10.73
N TRP A 127 -6.83 -4.42 11.90
CA TRP A 127 -5.91 -3.46 12.50
C TRP A 127 -4.73 -4.17 13.17
N VAL A 128 -3.50 -3.72 12.92
CA VAL A 128 -2.36 -4.28 13.65
C VAL A 128 -1.49 -3.15 14.22
N SER A 129 -0.62 -3.48 15.17
CA SER A 129 0.27 -2.49 15.75
C SER A 129 1.23 -1.97 14.68
N TYR A 130 1.76 -0.78 14.90
CA TYR A 130 2.45 -0.04 13.87
C TYR A 130 3.60 -0.79 13.22
N TRP A 131 4.41 -1.46 14.03
CA TRP A 131 5.65 -2.05 13.53
C TRP A 131 5.48 -3.48 13.03
N TYR A 132 4.38 -4.12 13.40
CA TYR A 132 4.06 -5.49 12.98
C TYR A 132 4.30 -5.79 11.49
N PRO A 133 3.89 -4.89 10.57
CA PRO A 133 4.08 -5.19 9.15
C PRO A 133 5.51 -5.48 8.70
N VAL A 134 6.51 -4.90 9.37
CA VAL A 134 7.88 -5.01 8.92
C VAL A 134 8.35 -6.45 8.97
N ARG A 135 8.09 -7.11 10.09
CA ARG A 135 8.50 -8.50 10.27
C ARG A 135 7.55 -9.49 9.60
N GLN A 136 6.41 -9.01 9.12
CA GLN A 136 5.39 -9.92 8.60
C GLN A 136 5.23 -9.94 7.08
N VAL A 137 5.58 -8.84 6.41
CA VAL A 137 5.46 -8.82 4.95
C VAL A 137 6.47 -9.82 4.37
N VAL A 138 6.19 -10.36 3.18
CA VAL A 138 7.09 -11.28 2.51
C VAL A 138 8.50 -10.66 2.39
N SER A 139 9.53 -11.49 2.57
CA SER A 139 10.91 -11.01 2.81
C SER A 139 11.49 -10.07 1.76
N PHE A 140 11.19 -10.27 0.48
CA PHE A 140 11.80 -9.42 -0.55
C PHE A 140 11.22 -8.00 -0.54
N LYS A 141 10.16 -7.77 0.24
CA LYS A 141 9.60 -6.43 0.37
C LYS A 141 10.00 -5.76 1.71
N ARG A 142 10.76 -6.48 2.53
CA ARG A 142 11.02 -6.06 3.89
C ARG A 142 11.87 -4.80 3.99
N ASP A 143 12.89 -4.69 3.15
CA ASP A 143 13.71 -3.49 3.07
C ASP A 143 12.86 -2.24 2.81
N VAL A 144 11.95 -2.32 1.85
CA VAL A 144 11.10 -1.21 1.49
C VAL A 144 10.14 -0.85 2.62
N TYR A 145 9.44 -1.86 3.14
CA TYR A 145 8.52 -1.66 4.27
C TYR A 145 9.21 -1.01 5.48
N ARG A 146 10.43 -1.44 5.76
CA ARG A 146 11.18 -0.91 6.88
C ARG A 146 11.45 0.58 6.69
N ARG A 147 11.78 0.99 5.47
CA ARG A 147 12.08 2.39 5.23
C ARG A 147 10.79 3.22 5.24
N VAL A 148 9.71 2.66 4.70
CA VAL A 148 8.42 3.33 4.71
C VAL A 148 7.94 3.59 6.13
N MET A 149 7.93 2.54 6.94
CA MET A 149 7.41 2.66 8.29
C MET A 149 8.28 3.59 9.14
N LYS A 150 9.58 3.63 8.86
CA LYS A 150 10.45 4.53 9.59
C LYS A 150 10.19 5.99 9.19
N GLU A 151 9.99 6.24 7.89
CA GLU A 151 9.71 7.61 7.47
C GLU A 151 8.36 8.11 8.00
N PHE A 152 7.41 7.19 8.16
CA PHE A 152 6.05 7.57 8.58
C PHE A 152 5.88 7.57 10.09
N ALA A 153 6.89 7.08 10.81
CA ALA A 153 6.73 6.78 12.22
C ALA A 153 6.47 8.03 13.06
N SER A 154 7.20 9.11 12.79
CA SER A 154 7.11 10.32 13.61
C SER A 154 5.74 10.97 13.48
N VAL A 155 5.08 10.75 12.36
CA VAL A 155 3.73 11.29 12.14
C VAL A 155 2.70 10.45 12.89
N VAL A 156 2.76 9.13 12.73
CA VAL A 156 1.76 8.23 13.31
C VAL A 156 1.80 8.17 14.83
N MET A 157 2.99 8.08 15.39
CA MET A 157 3.10 7.91 16.84
C MET A 157 2.72 9.18 17.58
N SER A 158 2.82 10.32 16.90
CA SER A 158 2.36 11.59 17.46
C SER A 158 0.83 11.64 17.52
N LEU A 159 0.19 10.85 16.67
CA LEU A 159 -1.26 10.75 16.64
C LEU A 159 -1.72 9.86 17.79
N ALA A 160 -0.95 8.81 18.06
CA ALA A 160 -1.27 7.85 19.10
C ALA A 160 -0.98 8.38 20.51
N ALA A 161 -0.14 9.41 20.59
CA ALA A 161 0.37 10.02 21.83
C ALA A 161 -0.30 9.58 23.14
S SO4 B . -3.40 -1.67 -11.42
O1 SO4 B . -4.15 -2.80 -11.95
O2 SO4 B . -4.07 -0.42 -11.75
O3 SO4 B . -3.27 -1.80 -9.97
O4 SO4 B . -2.08 -1.67 -12.04
S SO4 C . 3.76 -8.32 -5.67
O1 SO4 C . 3.10 -8.99 -6.79
O2 SO4 C . 2.84 -7.34 -5.10
O3 SO4 C . 4.11 -9.32 -4.67
O4 SO4 C . 4.97 -7.65 -6.15
S SO4 D . -11.89 6.45 17.17
O1 SO4 D . -13.27 6.00 17.33
O2 SO4 D . -11.28 6.48 18.50
O3 SO4 D . -11.17 5.49 16.33
O4 SO4 D . -11.82 7.76 16.55
S SO4 E . 16.43 -7.02 5.21
O1 SO4 E . 16.87 -8.22 4.50
O2 SO4 E . 15.38 -7.39 6.16
O3 SO4 E . 17.57 -6.43 5.90
O4 SO4 E . 15.89 -6.05 4.25
S SO4 F . 0.65 -18.19 0.63
O1 SO4 F . -0.64 -18.73 0.23
O2 SO4 F . 0.58 -17.56 1.94
O3 SO4 F . 1.60 -19.30 0.69
O4 SO4 F . 1.10 -17.21 -0.36
S SO4 G . 15.78 2.59 -3.23
O1 SO4 G . 14.59 2.01 -3.84
O2 SO4 G . 15.40 3.53 -2.19
O3 SO4 G . 16.59 1.51 -2.64
O4 SO4 G . 16.54 3.28 -4.25
#